data_5GS3
#
_entry.id   5GS3
#
_cell.length_a   57.955
_cell.length_b   78.454
_cell.length_c   59.913
_cell.angle_alpha   90.00
_cell.angle_beta   89.99
_cell.angle_gamma   90.00
#
_symmetry.space_group_name_H-M   'P 1 21 1'
#
loop_
_entity.id
_entity.type
_entity.pdbx_description
1 polymer 'diabody protein'
2 water water
#
_entity_poly.entity_id   1
_entity_poly.type   'polypeptide(L)'
_entity_poly.pdbx_seq_one_letter_code
;EVQLVESGGGLVQPGGSLRLSCAASGFTFRNSAMHWVRQAPGKGLEWVSSIWYSGSNTYYADSVKGRFTISRDNSKNTLY
LQMNSLTAEDTAVYYCARFAGGWGAYDVWGQGTLVTVSSGGGGSDIQMTQSPSSLSASVGDRVTITCRASQSIGLYLAWY
QQKPGKAPKLLIYAASSLQSGVPSRFSGSGSGTDFTLTISSLQPEDFATYYCQQGNTLSYTFGQGTKVEIKSGRLVPRGS
RSHHHHHH
;
_entity_poly.pdbx_strand_id   H,A
#
# COMPACT_ATOMS: atom_id res chain seq x y z
N VAL A 2 -20.02 -27.66 4.78
CA VAL A 2 -19.99 -26.42 3.99
C VAL A 2 -18.55 -25.89 3.96
N GLN A 3 -17.89 -25.98 2.81
CA GLN A 3 -16.45 -25.79 2.77
C GLN A 3 -16.01 -25.14 1.46
N LEU A 4 -14.95 -24.32 1.55
CA LEU A 4 -14.31 -23.72 0.39
C LEU A 4 -12.82 -24.05 0.45
N VAL A 5 -12.31 -24.71 -0.58
CA VAL A 5 -10.92 -25.16 -0.60
C VAL A 5 -10.22 -24.47 -1.76
N GLU A 6 -9.24 -23.62 -1.44
CA GLU A 6 -8.54 -22.89 -2.48
C GLU A 6 -7.25 -23.59 -2.90
N SER A 7 -6.76 -23.24 -4.08
CA SER A 7 -5.48 -23.69 -4.59
C SER A 7 -5.04 -22.74 -5.70
N GLY A 8 -3.78 -22.87 -6.10
CA GLY A 8 -3.26 -22.11 -7.22
C GLY A 8 -2.21 -21.09 -6.85
N GLY A 9 -2.10 -20.72 -5.58
CA GLY A 9 -1.13 -19.72 -5.19
C GLY A 9 0.28 -20.17 -5.47
N GLY A 10 1.19 -19.22 -5.46
CA GLY A 10 2.57 -19.54 -5.71
C GLY A 10 3.39 -18.27 -5.86
N LEU A 11 4.63 -18.47 -6.23
CA LEU A 11 5.56 -17.37 -6.52
C LEU A 11 5.56 -17.13 -8.02
N VAL A 12 5.37 -15.88 -8.43
CA VAL A 12 5.29 -15.54 -9.84
C VAL A 12 6.06 -14.24 -10.10
N GLN A 13 6.61 -14.12 -11.30
CA GLN A 13 7.34 -12.92 -11.67
C GLN A 13 6.37 -11.75 -11.90
N PRO A 14 6.80 -10.53 -11.62
CA PRO A 14 6.01 -9.35 -12.02
C PRO A 14 5.73 -9.38 -13.51
N GLY A 15 4.53 -8.94 -13.88
CA GLY A 15 4.06 -9.02 -15.23
C GLY A 15 3.44 -10.34 -15.63
N GLY A 16 3.58 -11.38 -14.80
CA GLY A 16 3.10 -12.70 -15.13
C GLY A 16 1.64 -12.92 -14.75
N SER A 17 1.21 -14.19 -14.91
CA SER A 17 -0.16 -14.61 -14.75
C SER A 17 -0.24 -15.80 -13.81
N LEU A 18 -1.42 -15.97 -13.22
CA LEU A 18 -1.69 -17.06 -12.29
C LEU A 18 -3.21 -17.18 -12.20
N ARG A 19 -3.72 -18.40 -12.06
CA ARG A 19 -5.15 -18.64 -11.88
C ARG A 19 -5.38 -19.34 -10.55
N LEU A 20 -6.20 -18.72 -9.69
CA LEU A 20 -6.61 -19.33 -8.43
C LEU A 20 -7.91 -20.11 -8.61
N SER A 21 -8.06 -21.17 -7.82
CA SER A 21 -9.26 -22.00 -7.80
C SER A 21 -9.82 -22.06 -6.39
N CYS A 22 -11.14 -22.18 -6.30
CA CYS A 22 -11.83 -22.28 -5.02
C CYS A 22 -12.93 -23.32 -5.21
N ALA A 23 -12.74 -24.51 -4.64
CA ALA A 23 -13.67 -25.62 -4.80
C ALA A 23 -14.67 -25.64 -3.64
N ALA A 24 -15.95 -25.60 -3.96
CA ALA A 24 -16.99 -25.55 -2.94
C ALA A 24 -17.61 -26.92 -2.70
N SER A 25 -18.11 -27.13 -1.49
CA SER A 25 -18.84 -28.35 -1.17
C SER A 25 -19.71 -28.09 0.05
N GLY A 26 -20.74 -28.92 0.20
CA GLY A 26 -21.65 -28.81 1.32
C GLY A 26 -22.78 -27.82 1.16
N PHE A 27 -22.91 -27.20 0.00
CA PHE A 27 -23.97 -26.24 -0.24
C PHE A 27 -24.17 -26.10 -1.75
N THR A 28 -25.32 -25.50 -2.12
CA THR A 28 -25.69 -25.35 -3.52
C THR A 28 -24.93 -24.17 -4.13
N PHE A 29 -23.83 -24.50 -4.83
CA PHE A 29 -22.91 -23.48 -5.32
C PHE A 29 -23.58 -22.55 -6.34
N ARG A 30 -24.42 -23.10 -7.20
CA ARG A 30 -24.98 -22.33 -8.31
C ARG A 30 -25.77 -21.12 -7.83
N ASN A 31 -26.47 -21.25 -6.69
CA ASN A 31 -27.36 -20.19 -6.25
C ASN A 31 -26.63 -18.98 -5.66
N SER A 32 -25.34 -19.11 -5.38
CA SER A 32 -24.69 -18.25 -4.40
C SER A 32 -23.76 -17.23 -5.04
N ALA A 33 -23.71 -16.04 -4.45
CA ALA A 33 -22.75 -15.03 -4.85
C ALA A 33 -21.40 -15.35 -4.21
N MET A 34 -20.34 -15.31 -5.01
CA MET A 34 -18.99 -15.66 -4.58
C MET A 34 -18.07 -14.48 -4.80
N HIS A 35 -17.24 -14.18 -3.81
CA HIS A 35 -16.31 -13.06 -3.87
C HIS A 35 -14.89 -13.52 -3.62
N TRP A 36 -13.95 -12.70 -4.08
CA TRP A 36 -12.55 -12.80 -3.67
C TRP A 36 -12.21 -11.58 -2.82
N VAL A 37 -11.50 -11.83 -1.73
CA VAL A 37 -11.01 -10.84 -0.79
C VAL A 37 -9.55 -11.16 -0.51
N ARG A 38 -8.68 -10.15 -0.49
CA ARG A 38 -7.27 -10.43 -0.28
C ARG A 38 -6.73 -9.66 0.90
N GLN A 39 -5.56 -10.08 1.37
CA GLN A 39 -4.92 -9.49 2.55
C GLN A 39 -3.41 -9.49 2.35
N ALA A 40 -2.85 -8.33 2.08
CA ALA A 40 -1.40 -8.21 1.98
C ALA A 40 -0.75 -8.59 3.33
N PRO A 41 0.49 -9.08 3.30
CA PRO A 41 1.17 -9.48 4.53
C PRO A 41 1.18 -8.37 5.58
N GLY A 42 0.63 -8.68 6.77
CA GLY A 42 0.57 -7.72 7.85
C GLY A 42 -0.47 -6.63 7.72
N LYS A 43 -1.33 -6.68 6.69
CA LYS A 43 -2.28 -5.62 6.38
C LYS A 43 -3.71 -6.13 6.56
N GLY A 44 -4.68 -5.28 6.20
CA GLY A 44 -6.08 -5.58 6.40
C GLY A 44 -6.72 -6.32 5.22
N LEU A 45 -8.00 -6.63 5.36
CA LEU A 45 -8.77 -7.27 4.28
C LEU A 45 -9.20 -6.25 3.24
N GLU A 46 -9.16 -6.65 1.98
CA GLU A 46 -9.53 -5.76 0.88
C GLU A 46 -10.39 -6.54 -0.10
N TRP A 47 -11.56 -6.02 -0.42
CA TRP A 47 -12.41 -6.68 -1.40
C TRP A 47 -11.75 -6.62 -2.79
N VAL A 48 -11.89 -7.70 -3.55
CA VAL A 48 -11.26 -7.78 -4.87
C VAL A 48 -12.27 -7.90 -6.00
N SER A 49 -13.20 -8.85 -5.92
CA SER A 49 -14.06 -9.13 -7.06
C SER A 49 -15.27 -9.94 -6.61
N SER A 50 -16.36 -9.84 -7.39
CA SER A 50 -17.64 -10.49 -7.10
C SER A 50 -18.21 -11.12 -8.36
N ILE A 51 -18.93 -12.23 -8.19
CA ILE A 51 -19.68 -12.86 -9.29
C ILE A 51 -20.91 -13.55 -8.70
N TRP A 52 -22.02 -13.50 -9.43
CA TRP A 52 -23.26 -14.09 -8.94
C TRP A 52 -23.81 -14.99 -10.05
N TYR A 53 -25.13 -15.11 -10.14
CA TYR A 53 -25.78 -15.95 -11.15
C TYR A 53 -25.52 -15.43 -12.56
N SER A 56 -25.71 -12.26 -15.27
CA SER A 56 -24.45 -12.26 -14.53
C SER A 56 -23.72 -10.93 -14.68
N ASN A 57 -23.64 -10.17 -13.58
CA ASN A 57 -22.92 -8.91 -13.53
C ASN A 57 -21.75 -9.05 -12.56
N THR A 58 -20.54 -9.15 -13.11
CA THR A 58 -19.33 -9.28 -12.31
C THR A 58 -18.75 -7.91 -12.01
N TYR A 59 -18.08 -7.80 -10.86
CA TYR A 59 -17.55 -6.52 -10.39
C TYR A 59 -16.11 -6.71 -9.93
N TYR A 60 -15.34 -5.62 -10.02
CA TYR A 60 -13.92 -5.62 -9.66
C TYR A 60 -13.57 -4.32 -8.94
N ALA A 61 -12.70 -4.43 -7.93
CA ALA A 61 -12.12 -3.23 -7.33
C ALA A 61 -11.16 -2.58 -8.32
N ASP A 62 -10.92 -1.28 -8.13
CA ASP A 62 -10.02 -0.55 -9.03
C ASP A 62 -8.59 -1.04 -8.93
N SER A 63 -8.28 -1.82 -7.89
CA SER A 63 -6.95 -2.40 -7.75
C SER A 63 -6.65 -3.45 -8.79
N VAL A 64 -7.69 -4.12 -9.32
CA VAL A 64 -7.46 -5.25 -10.22
C VAL A 64 -8.29 -5.15 -11.50
N LYS A 65 -9.23 -4.21 -11.56
CA LYS A 65 -10.11 -4.10 -12.72
C LYS A 65 -9.31 -3.93 -14.00
N GLY A 66 -9.69 -4.65 -15.06
CA GLY A 66 -8.98 -4.59 -16.31
C GLY A 66 -7.80 -5.53 -16.40
N ARG A 67 -7.37 -6.14 -15.30
CA ARG A 67 -6.30 -7.13 -15.28
C ARG A 67 -6.76 -8.50 -14.85
N PHE A 68 -7.68 -8.59 -13.89
CA PHE A 68 -8.14 -9.87 -13.36
C PHE A 68 -9.49 -10.22 -13.96
N THR A 69 -9.78 -11.53 -14.00
CA THR A 69 -11.09 -12.01 -14.44
C THR A 69 -11.59 -13.05 -13.45
N ILE A 70 -12.78 -12.81 -12.88
CA ILE A 70 -13.47 -13.77 -12.02
C ILE A 70 -14.41 -14.58 -12.90
N SER A 71 -14.52 -15.88 -12.59
CA SER A 71 -15.39 -16.77 -13.35
C SER A 71 -15.76 -17.95 -12.47
N ARG A 72 -16.68 -18.77 -12.96
CA ARG A 72 -17.17 -19.91 -12.19
C ARG A 72 -17.55 -21.02 -13.16
N ASP A 73 -17.35 -22.26 -12.70
CA ASP A 73 -17.78 -23.46 -13.43
C ASP A 73 -18.73 -24.20 -12.49
N ASN A 74 -20.03 -23.97 -12.67
CA ASN A 74 -21.00 -24.53 -11.73
C ASN A 74 -21.01 -26.05 -11.75
N SER A 75 -20.68 -26.67 -12.88
CA SER A 75 -20.68 -28.14 -12.92
C SER A 75 -19.57 -28.73 -12.05
N LYS A 76 -18.51 -27.96 -11.78
CA LYS A 76 -17.44 -28.39 -10.88
C LYS A 76 -17.51 -27.71 -9.53
N ASN A 77 -18.56 -26.92 -9.26
CA ASN A 77 -18.69 -26.18 -8.00
C ASN A 77 -17.41 -25.42 -7.69
N THR A 78 -16.83 -24.79 -8.71
CA THR A 78 -15.55 -24.12 -8.54
C THR A 78 -15.60 -22.66 -8.98
N LEU A 79 -14.98 -21.80 -8.18
CA LEU A 79 -14.76 -20.39 -8.47
C LEU A 79 -13.30 -20.17 -8.89
N TYR A 80 -13.06 -19.28 -9.85
CA TYR A 80 -11.71 -18.99 -10.31
C TYR A 80 -11.42 -17.50 -10.24
N LEU A 81 -10.14 -17.16 -10.10
CA LEU A 81 -9.65 -15.80 -10.28
C LEU A 81 -8.45 -15.89 -11.22
N GLN A 82 -8.61 -15.36 -12.42
CA GLN A 82 -7.51 -15.30 -13.37
C GLN A 82 -6.77 -13.99 -13.15
N MET A 83 -5.52 -14.09 -12.74
CA MET A 83 -4.72 -12.92 -12.39
C MET A 83 -3.67 -12.68 -13.49
N ASN A 84 -3.73 -11.52 -14.13
CA ASN A 84 -2.80 -11.15 -15.20
C ASN A 84 -2.04 -9.87 -14.85
N SER A 85 -0.92 -9.67 -15.55
CA SER A 85 -0.10 -8.46 -15.40
C SER A 85 0.17 -8.13 -13.94
N LEU A 86 0.71 -9.12 -13.23
CA LEU A 86 0.83 -9.02 -11.78
C LEU A 86 1.89 -8.02 -11.34
N THR A 87 1.67 -7.42 -10.17
CA THR A 87 2.60 -6.49 -9.56
C THR A 87 2.92 -6.95 -8.14
N ALA A 88 4.04 -6.46 -7.62
CA ALA A 88 4.34 -6.70 -6.22
C ALA A 88 3.18 -6.28 -5.33
N GLU A 89 2.40 -5.28 -5.74
CA GLU A 89 1.29 -4.84 -4.88
C GLU A 89 0.17 -5.86 -4.83
N ASP A 90 0.16 -6.86 -5.71
CA ASP A 90 -0.81 -7.94 -5.62
C ASP A 90 -0.40 -9.04 -4.64
N THR A 91 0.80 -8.97 -4.06
CA THR A 91 1.20 -9.99 -3.09
C THR A 91 0.24 -10.00 -1.91
N ALA A 92 -0.33 -11.16 -1.61
CA ALA A 92 -1.38 -11.24 -0.60
C ALA A 92 -1.83 -12.67 -0.46
N VAL A 93 -2.49 -12.95 0.66
CA VAL A 93 -3.31 -14.14 0.76
C VAL A 93 -4.67 -13.83 0.14
N TYR A 94 -5.12 -14.68 -0.77
CA TYR A 94 -6.38 -14.49 -1.46
C TYR A 94 -7.39 -15.44 -0.86
N TYR A 95 -8.50 -14.90 -0.40
CA TYR A 95 -9.60 -15.70 0.15
C TYR A 95 -10.78 -15.64 -0.80
N CYS A 96 -11.41 -16.79 -1.01
CA CYS A 96 -12.74 -16.80 -1.61
C CYS A 96 -13.75 -16.87 -0.48
N ALA A 97 -14.93 -16.29 -0.70
CA ALA A 97 -15.93 -16.24 0.34
C ALA A 97 -17.32 -16.27 -0.27
N ARG A 98 -18.25 -16.93 0.41
CA ARG A 98 -19.65 -16.89 0.04
C ARG A 98 -20.30 -15.67 0.65
N PHE A 99 -20.99 -14.87 -0.18
CA PHE A 99 -21.65 -13.64 0.25
C PHE A 99 -23.13 -13.93 0.47
N ALA A 100 -23.61 -13.70 1.69
CA ALA A 100 -25.03 -13.82 2.01
C ALA A 100 -25.66 -12.46 1.76
N GLY A 101 -26.33 -12.30 0.61
CA GLY A 101 -26.79 -10.98 0.21
C GLY A 101 -27.88 -10.41 1.09
N GLY A 102 -28.63 -11.27 1.77
CA GLY A 102 -29.60 -10.77 2.73
C GLY A 102 -28.95 -10.17 3.96
N TRP A 103 -27.81 -10.72 4.37
CA TRP A 103 -27.07 -10.21 5.51
C TRP A 103 -26.08 -9.11 5.16
N GLY A 104 -25.69 -9.01 3.88
CA GLY A 104 -24.62 -8.12 3.50
C GLY A 104 -23.25 -8.54 4.00
N ALA A 105 -23.04 -9.84 4.22
CA ALA A 105 -21.88 -10.33 4.97
C ALA A 105 -21.43 -11.67 4.40
N TYR A 106 -20.15 -12.01 4.64
CA TYR A 106 -19.56 -13.25 4.16
C TYR A 106 -19.69 -14.34 5.22
N ASP A 107 -20.41 -15.41 4.93
CA ASP A 107 -20.66 -16.42 5.96
C ASP A 107 -19.85 -17.70 5.78
N VAL A 108 -19.11 -17.86 4.69
CA VAL A 108 -18.22 -19.01 4.50
C VAL A 108 -16.96 -18.48 3.87
N TRP A 109 -15.79 -18.90 4.39
CA TRP A 109 -14.50 -18.45 3.89
C TRP A 109 -13.63 -19.64 3.53
N GLY A 110 -12.89 -19.53 2.43
CA GLY A 110 -11.84 -20.49 2.14
C GLY A 110 -10.67 -20.34 3.11
N GLN A 111 -9.69 -21.25 2.98
CA GLN A 111 -8.56 -21.23 3.91
C GLN A 111 -7.50 -20.21 3.49
N GLY A 112 -7.60 -19.67 2.28
CA GLY A 112 -6.65 -18.72 1.76
C GLY A 112 -5.54 -19.40 0.98
N THR A 113 -5.04 -18.69 -0.04
CA THR A 113 -3.87 -19.18 -0.78
C THR A 113 -2.96 -17.99 -1.02
N LEU A 114 -1.65 -18.21 -0.89
CA LEU A 114 -0.69 -17.11 -0.91
C LEU A 114 -0.16 -16.91 -2.32
N VAL A 115 -0.22 -15.66 -2.79
CA VAL A 115 0.35 -15.26 -4.06
C VAL A 115 1.46 -14.27 -3.77
N THR A 116 2.69 -14.59 -4.17
CA THR A 116 3.84 -13.71 -3.98
C THR A 116 4.38 -13.33 -5.34
N VAL A 117 4.38 -12.02 -5.65
CA VAL A 117 4.81 -11.49 -6.94
C VAL A 117 6.18 -10.87 -6.72
N SER A 118 7.23 -11.50 -7.27
CA SER A 118 8.58 -11.08 -6.93
C SER A 118 9.51 -11.53 -8.04
N SER A 119 10.56 -10.74 -8.27
CA SER A 119 11.59 -11.13 -9.22
C SER A 119 12.68 -11.89 -8.49
N ASP A 125 16.21 -7.27 -0.86
CA ASP A 125 17.34 -6.38 -0.69
C ASP A 125 17.14 -5.47 0.53
N ILE A 126 17.67 -4.25 0.47
CA ILE A 126 17.96 -3.48 1.67
C ILE A 126 16.71 -2.74 2.14
N GLN A 127 16.38 -2.90 3.42
CA GLN A 127 15.28 -2.16 4.04
C GLN A 127 15.86 -1.00 4.83
N MET A 128 15.25 0.17 4.68
CA MET A 128 15.65 1.39 5.36
C MET A 128 14.58 1.75 6.37
N THR A 129 14.94 1.76 7.65
CA THR A 129 14.01 2.06 8.74
C THR A 129 14.38 3.42 9.32
N GLN A 130 13.52 4.39 9.09
CA GLN A 130 13.69 5.77 9.52
C GLN A 130 12.92 5.98 10.80
N SER A 131 13.51 6.76 11.71
CA SER A 131 12.85 7.06 12.98
C SER A 131 13.29 8.43 13.53
N PRO A 132 12.36 9.14 14.20
CA PRO A 132 10.97 8.71 14.38
C PRO A 132 10.14 8.93 13.11
N SER A 133 8.89 8.46 13.09
CA SER A 133 8.05 8.74 11.93
C SER A 133 7.62 10.19 11.90
N SER A 134 7.50 10.81 13.06
CA SER A 134 7.20 12.24 13.15
C SER A 134 7.70 12.76 14.48
N LEU A 135 7.93 14.07 14.51
CA LEU A 135 8.28 14.73 15.75
C LEU A 135 7.80 16.17 15.70
N SER A 136 7.47 16.71 16.85
CA SER A 136 7.08 18.11 16.98
C SER A 136 8.23 18.88 17.62
N ALA A 137 8.57 20.01 17.02
CA ALA A 137 9.67 20.81 17.53
C ALA A 137 9.32 22.28 17.40
N SER A 138 10.12 23.10 18.07
CA SER A 138 9.99 24.56 18.03
C SER A 138 11.16 25.15 17.26
N VAL A 139 10.92 26.35 16.71
CA VAL A 139 12.00 27.11 16.13
C VAL A 139 13.12 27.22 17.15
N GLY A 140 14.36 26.94 16.71
CA GLY A 140 15.52 26.97 17.56
C GLY A 140 15.92 25.62 18.13
N ASP A 141 15.06 24.62 18.06
CA ASP A 141 15.37 23.30 18.61
C ASP A 141 16.42 22.58 17.78
N ARG A 142 17.22 21.76 18.46
CA ARG A 142 18.06 20.77 17.81
C ARG A 142 17.25 19.51 17.51
N VAL A 143 17.31 19.04 16.26
CA VAL A 143 16.54 17.88 15.81
C VAL A 143 17.51 16.84 15.25
N THR A 144 17.32 15.58 15.62
CA THR A 144 18.10 14.49 15.04
C THR A 144 17.17 13.39 14.55
N ILE A 145 17.40 12.97 13.31
CA ILE A 145 16.62 11.93 12.65
C ILE A 145 17.56 10.79 12.35
N THR A 146 17.10 9.55 12.52
CA THR A 146 17.95 8.39 12.31
C THR A 146 17.40 7.51 11.21
N CYS A 147 18.33 6.83 10.53
CA CYS A 147 18.02 5.96 9.41
C CYS A 147 18.91 4.73 9.56
N ARG A 148 18.30 3.55 9.70
CA ARG A 148 19.06 2.30 9.80
C ARG A 148 18.83 1.44 8.57
N ALA A 149 19.90 0.83 8.07
CA ALA A 149 19.86 -0.06 6.94
C ALA A 149 19.99 -1.52 7.41
N SER A 150 19.23 -2.41 6.78
CA SER A 150 19.25 -3.81 7.18
C SER A 150 20.57 -4.49 6.86
N GLN A 151 21.32 -3.94 5.90
CA GLN A 151 22.61 -4.44 5.47
C GLN A 151 23.52 -3.22 5.35
N SER A 152 24.83 -3.44 5.43
CA SER A 152 25.73 -2.32 5.24
C SER A 152 25.53 -1.68 3.87
N ILE A 153 25.42 -0.36 3.85
CA ILE A 153 25.38 0.40 2.60
C ILE A 153 26.63 1.27 2.46
N GLY A 154 27.64 1.00 3.27
CA GLY A 154 28.83 1.83 3.24
C GLY A 154 28.50 3.26 3.62
N LEU A 155 28.89 4.19 2.75
CA LEU A 155 28.64 5.61 2.94
C LEU A 155 27.52 6.14 2.05
N TYR A 156 26.92 5.29 1.20
CA TYR A 156 25.99 5.75 0.17
C TYR A 156 24.59 5.88 0.74
N LEU A 157 24.44 6.94 1.54
CA LEU A 157 23.18 7.28 2.18
C LEU A 157 22.96 8.77 1.96
N ALA A 158 21.81 9.10 1.38
CA ALA A 158 21.47 10.49 1.09
C ALA A 158 20.25 10.91 1.88
N TRP A 159 20.12 12.23 2.11
CA TRP A 159 18.99 12.81 2.82
C TRP A 159 18.31 13.85 1.94
N TYR A 160 16.97 13.81 1.88
CA TYR A 160 16.17 14.75 1.12
C TYR A 160 15.17 15.45 2.03
N GLN A 161 14.88 16.70 1.69
CA GLN A 161 13.83 17.50 2.33
C GLN A 161 12.67 17.61 1.35
N GLN A 162 11.44 17.53 1.86
CA GLN A 162 10.28 17.69 0.98
C GLN A 162 9.22 18.52 1.69
N LYS A 163 8.88 19.62 1.14
CA LYS A 163 7.82 20.50 1.64
C LYS A 163 6.50 20.17 0.96
N PRO A 164 5.35 20.46 1.59
CA PRO A 164 4.07 20.08 0.99
C PRO A 164 3.91 20.62 -0.42
N GLY A 165 3.51 19.74 -1.33
CA GLY A 165 3.27 20.10 -2.72
C GLY A 165 4.52 20.30 -3.56
N LYS A 166 5.70 20.06 -3.01
CA LYS A 166 6.94 20.28 -3.72
C LYS A 166 7.66 18.96 -3.92
N ALA A 167 8.60 18.96 -4.85
CA ALA A 167 9.50 17.85 -5.11
C ALA A 167 10.52 17.73 -3.98
N PRO A 168 11.04 16.53 -3.76
CA PRO A 168 12.17 16.40 -2.83
C PRO A 168 13.36 17.23 -3.30
N LYS A 169 14.19 17.62 -2.33
CA LYS A 169 15.39 18.41 -2.56
C LYS A 169 16.55 17.71 -1.85
N LEU A 170 17.63 17.43 -2.60
CA LEU A 170 18.81 16.83 -2.00
C LEU A 170 19.49 17.78 -1.01
N LEU A 171 19.73 17.30 0.22
CA LEU A 171 20.49 18.03 1.22
C LEU A 171 21.88 17.46 1.46
N ILE A 172 21.97 16.15 1.69
CA ILE A 172 23.22 15.49 2.08
C ILE A 172 23.36 14.20 1.26
N TYR A 173 24.58 13.94 0.79
CA TYR A 173 24.90 12.71 0.09
C TYR A 173 26.18 12.12 0.70
N ALA A 174 26.39 10.83 0.42
CA ALA A 174 27.56 10.12 0.94
C ALA A 174 27.66 10.30 2.45
N ALA A 175 26.49 10.29 3.10
CA ALA A 175 26.29 10.25 4.55
C ALA A 175 26.52 11.61 5.22
N SER A 176 27.50 12.40 4.74
CA SER A 176 27.91 13.60 5.45
C SER A 176 28.31 14.78 4.56
N SER A 177 28.20 14.66 3.23
CA SER A 177 28.56 15.74 2.32
C SER A 177 27.34 16.59 2.02
N LEU A 178 27.47 17.90 2.19
CA LEU A 178 26.34 18.79 1.89
C LEU A 178 26.34 19.17 0.41
N GLN A 179 25.16 19.11 -0.20
CA GLN A 179 24.96 19.69 -1.51
C GLN A 179 25.23 21.20 -1.46
N SER A 180 25.67 21.75 -2.59
CA SER A 180 25.90 23.19 -2.70
C SER A 180 24.67 23.97 -2.27
N GLY A 181 24.90 25.00 -1.46
CA GLY A 181 23.82 25.88 -1.04
C GLY A 181 23.05 25.45 0.18
N VAL A 182 23.30 24.26 0.71
CA VAL A 182 22.57 23.78 1.88
C VAL A 182 23.16 24.47 3.14
N PRO A 183 22.32 25.02 4.01
CA PRO A 183 22.84 25.77 5.16
C PRO A 183 23.59 24.88 6.15
N SER A 184 24.60 25.47 6.79
CA SER A 184 25.51 24.72 7.64
C SER A 184 24.82 24.11 8.86
N ARG A 185 23.60 24.54 9.19
CA ARG A 185 22.92 23.93 10.33
C ARG A 185 22.52 22.49 10.07
N PHE A 186 22.57 22.05 8.81
CA PHE A 186 22.33 20.66 8.45
C PHE A 186 23.64 19.88 8.43
N SER A 187 23.65 18.71 9.06
CA SER A 187 24.83 17.86 9.00
C SER A 187 24.38 16.41 9.05
N GLY A 188 25.25 15.52 8.57
CA GLY A 188 24.94 14.11 8.53
C GLY A 188 26.11 13.30 9.06
N SER A 189 25.79 12.14 9.62
CA SER A 189 26.85 11.28 10.13
C SER A 189 26.43 9.82 10.00
N GLY A 190 27.42 8.95 10.13
CA GLY A 190 27.10 7.54 10.13
C GLY A 190 27.80 6.76 9.03
N SER A 191 27.84 5.44 9.20
CA SER A 191 28.49 4.58 8.22
C SER A 191 27.95 3.17 8.41
N GLY A 192 28.00 2.39 7.35
CA GLY A 192 27.55 1.01 7.42
C GLY A 192 26.05 0.88 7.49
N THR A 193 25.50 0.82 8.71
CA THR A 193 24.06 0.61 8.86
C THR A 193 23.36 1.65 9.72
N ASP A 194 24.07 2.58 10.36
CA ASP A 194 23.40 3.55 11.23
C ASP A 194 23.77 4.96 10.81
N PHE A 195 22.75 5.78 10.50
CA PHE A 195 22.95 7.11 9.95
C PHE A 195 22.07 8.12 10.67
N THR A 196 22.56 9.36 10.75
CA THR A 196 21.84 10.41 11.45
C THR A 196 21.87 11.69 10.64
N LEU A 197 20.74 12.40 10.62
CA LEU A 197 20.67 13.75 10.11
C LEU A 197 20.39 14.68 11.28
N THR A 198 21.15 15.76 11.41
CA THR A 198 20.99 16.68 12.52
C THR A 198 20.75 18.09 11.99
N ILE A 199 19.74 18.77 12.55
CA ILE A 199 19.53 20.19 12.32
C ILE A 199 19.87 20.92 13.62
N SER A 200 20.87 21.81 13.56
CA SER A 200 21.46 22.37 14.77
C SER A 200 20.47 23.28 15.48
N SER A 201 19.76 24.10 14.73
CA SER A 201 18.81 25.07 15.27
C SER A 201 17.73 25.23 14.20
N LEU A 202 16.57 24.62 14.45
CA LEU A 202 15.51 24.59 13.46
C LEU A 202 15.03 26.00 13.12
N GLN A 203 14.89 26.27 11.82
CA GLN A 203 14.28 27.50 11.32
C GLN A 203 12.90 27.19 10.76
N PRO A 204 12.03 28.21 10.64
CA PRO A 204 10.67 27.93 10.12
C PRO A 204 10.66 27.21 8.79
N GLU A 205 11.59 27.56 7.89
CA GLU A 205 11.64 26.92 6.59
C GLU A 205 12.03 25.45 6.66
N ASP A 206 12.50 24.98 7.81
CA ASP A 206 12.96 23.60 7.94
C ASP A 206 11.86 22.62 8.33
N PHE A 207 10.68 23.10 8.72
CA PHE A 207 9.59 22.16 8.98
C PHE A 207 9.12 21.55 7.66
N ALA A 208 9.28 20.25 7.54
CA ALA A 208 9.19 19.56 6.26
C ALA A 208 9.24 18.07 6.59
N THR A 209 9.12 17.24 5.56
CA THR A 209 9.35 15.82 5.69
C THR A 209 10.73 15.51 5.13
N TYR A 210 11.45 14.63 5.82
CA TYR A 210 12.82 14.27 5.47
C TYR A 210 12.87 12.79 5.16
N TYR A 211 13.62 12.42 4.12
CA TYR A 211 13.72 11.04 3.66
C TYR A 211 15.18 10.67 3.52
N CYS A 212 15.56 9.48 3.96
CA CYS A 212 16.86 8.93 3.61
C CYS A 212 16.71 7.96 2.44
N GLN A 213 17.82 7.69 1.76
CA GLN A 213 17.81 6.85 0.57
C GLN A 213 19.17 6.20 0.43
N GLN A 214 19.20 4.87 0.29
CA GLN A 214 20.48 4.21 0.09
C GLN A 214 20.78 4.13 -1.39
N GLY A 215 22.04 4.38 -1.74
CA GLY A 215 22.47 4.34 -3.12
C GLY A 215 23.56 3.32 -3.37
N ASN A 216 23.63 2.29 -2.52
CA ASN A 216 24.67 1.28 -2.63
C ASN A 216 24.25 0.06 -3.45
N THR A 217 22.95 -0.12 -3.64
CA THR A 217 22.39 -1.37 -4.13
C THR A 217 21.37 -1.08 -5.20
N LEU A 218 21.29 -1.99 -6.19
CA LEU A 218 20.67 -1.69 -7.47
C LEU A 218 19.20 -1.29 -7.35
N SER A 219 18.51 -1.79 -6.33
CA SER A 219 17.13 -1.37 -6.07
C SER A 219 17.20 -0.33 -4.97
N TYR A 220 17.34 0.93 -5.38
CA TYR A 220 17.48 2.03 -4.44
C TYR A 220 16.23 2.17 -3.58
N THR A 221 16.43 2.20 -2.28
CA THR A 221 15.31 2.17 -1.35
C THR A 221 15.34 3.40 -0.46
N PHE A 222 14.15 3.94 -0.20
CA PHE A 222 13.95 5.11 0.64
C PHE A 222 13.48 4.67 2.01
N GLY A 223 13.88 5.43 3.02
CA GLY A 223 13.22 5.35 4.30
C GLY A 223 11.79 5.84 4.19
N GLN A 224 11.01 5.56 5.24
CA GLN A 224 9.59 5.88 5.16
C GLN A 224 9.29 7.34 5.45
N GLY A 225 10.29 8.13 5.81
CA GLY A 225 10.09 9.55 6.02
C GLY A 225 9.92 9.91 7.48
N THR A 226 10.36 11.12 7.83
CA THR A 226 10.14 11.69 9.16
C THR A 226 9.50 13.05 8.97
N LYS A 227 8.31 13.25 9.52
CA LYS A 227 7.62 14.53 9.41
C LYS A 227 8.06 15.41 10.58
N VAL A 228 8.70 16.53 10.28
CA VAL A 228 9.13 17.46 11.32
C VAL A 228 8.06 18.54 11.40
N GLU A 229 7.26 18.49 12.47
CA GLU A 229 6.07 19.32 12.63
C GLU A 229 6.28 20.39 13.71
N ILE A 230 5.40 21.39 13.70
CA ILE A 230 5.54 22.55 14.57
C ILE A 230 4.77 22.34 15.87
N LYS A 231 5.44 22.54 17.00
CA LYS A 231 4.76 22.61 18.30
C LYS A 231 3.88 23.87 18.43
N VAL B 2 19.12 24.43 -14.99
CA VAL B 2 19.11 22.97 -14.94
C VAL B 2 17.74 22.48 -14.48
N GLN B 3 16.91 21.99 -15.41
CA GLN B 3 15.49 21.77 -15.13
C GLN B 3 15.00 20.45 -15.68
N LEU B 4 13.98 19.90 -15.03
CA LEU B 4 13.22 18.75 -15.50
C LEU B 4 11.74 19.12 -15.46
N VAL B 5 11.07 19.06 -16.60
CA VAL B 5 9.67 19.48 -16.71
C VAL B 5 8.85 18.28 -17.14
N GLU B 6 7.97 17.82 -16.26
CA GLU B 6 7.16 16.65 -16.55
C GLU B 6 5.80 17.02 -17.12
N SER B 7 5.21 16.08 -17.84
CA SER B 7 3.85 16.20 -18.35
C SER B 7 3.31 14.80 -18.59
N GLY B 8 1.99 14.72 -18.78
CA GLY B 8 1.35 13.47 -19.18
C GLY B 8 0.39 12.90 -18.18
N GLY B 9 0.46 13.33 -16.92
CA GLY B 9 -0.40 12.78 -15.90
C GLY B 9 -1.86 13.08 -16.19
N GLY B 10 -2.71 12.40 -15.44
CA GLY B 10 -4.13 12.61 -15.59
C GLY B 10 -4.87 11.47 -14.96
N LEU B 11 -6.17 11.44 -15.24
CA LEU B 11 -7.07 10.43 -14.70
C LEU B 11 -7.29 9.36 -15.76
N VAL B 12 -7.06 8.09 -15.38
CA VAL B 12 -7.19 6.98 -16.31
C VAL B 12 -7.93 5.83 -15.64
N GLN B 13 -8.59 5.03 -16.46
CA GLN B 13 -9.32 3.89 -15.94
C GLN B 13 -8.36 2.76 -15.58
N PRO B 14 -8.71 1.94 -14.59
CA PRO B 14 -7.92 0.73 -14.32
C PRO B 14 -7.82 -0.12 -15.57
N GLY B 15 -6.65 -0.72 -15.76
CA GLY B 15 -6.36 -1.49 -16.95
C GLY B 15 -5.85 -0.67 -18.11
N GLY B 16 -5.93 0.65 -18.04
CA GLY B 16 -5.56 1.53 -19.13
C GLY B 16 -4.08 1.86 -19.14
N SER B 17 -3.72 2.76 -20.07
CA SER B 17 -2.35 3.13 -20.35
C SER B 17 -2.20 4.65 -20.31
N LEU B 18 -0.96 5.07 -20.09
CA LEU B 18 -0.63 6.48 -20.02
C LEU B 18 0.88 6.57 -20.25
N ARG B 19 1.34 7.62 -20.93
CA ARG B 19 2.77 7.85 -21.10
C ARG B 19 3.14 9.19 -20.46
N LEU B 20 4.12 9.16 -19.55
CA LEU B 20 4.64 10.38 -18.97
C LEU B 20 5.87 10.85 -19.72
N SER B 21 6.07 12.17 -19.74
CA SER B 21 7.21 12.80 -20.38
C SER B 21 7.96 13.66 -19.36
N CYS B 22 9.28 13.74 -19.54
CA CYS B 22 10.12 14.55 -18.65
C CYS B 22 11.15 15.23 -19.56
N ALA B 23 10.98 16.53 -19.79
CA ALA B 23 11.84 17.28 -20.70
C ALA B 23 12.98 17.93 -19.92
N ALA B 24 14.22 17.67 -20.32
CA ALA B 24 15.38 18.15 -19.61
C ALA B 24 16.00 19.36 -20.30
N SER B 25 16.57 20.25 -19.51
CA SER B 25 17.29 21.40 -20.05
C SER B 25 18.32 21.87 -19.03
N GLY B 26 19.30 22.63 -19.52
CA GLY B 26 20.34 23.17 -18.68
C GLY B 26 21.49 22.22 -18.39
N PHE B 27 21.49 21.03 -18.98
CA PHE B 27 22.57 20.07 -18.75
C PHE B 27 22.56 19.06 -19.88
N THR B 28 23.66 18.30 -19.98
CA THR B 28 23.84 17.34 -21.07
C THR B 28 23.09 16.06 -20.75
N PHE B 29 21.93 15.89 -21.40
CA PHE B 29 21.01 14.81 -21.06
C PHE B 29 21.60 13.45 -21.40
N ARG B 30 22.35 13.36 -22.51
CA ARG B 30 22.76 12.05 -23.02
C ARG B 30 23.66 11.30 -22.02
N ASN B 31 24.43 12.03 -21.22
CA ASN B 31 25.39 11.38 -20.32
C ASN B 31 24.76 10.86 -19.03
N SER B 32 23.54 11.27 -18.71
CA SER B 32 23.03 11.17 -17.35
C SER B 32 22.10 9.97 -17.18
N ALA B 33 22.22 9.31 -16.04
CA ALA B 33 21.25 8.31 -15.64
C ALA B 33 19.99 9.01 -15.16
N MET B 34 18.83 8.57 -15.64
CA MET B 34 17.54 9.16 -15.33
C MET B 34 16.66 8.11 -14.68
N HIS B 35 15.96 8.49 -13.62
CA HIS B 35 15.09 7.58 -12.88
C HIS B 35 13.69 8.16 -12.77
N TRP B 36 12.73 7.28 -12.54
CA TRP B 36 11.40 7.64 -12.08
C TRP B 36 11.24 7.16 -10.65
N VAL B 37 10.67 8.04 -9.83
CA VAL B 37 10.38 7.81 -8.43
C VAL B 37 8.95 8.29 -8.20
N ARG B 38 8.15 7.53 -7.47
CA ARG B 38 6.76 7.95 -7.29
C ARG B 38 6.39 8.04 -5.82
N GLN B 39 5.27 8.71 -5.57
CA GLN B 39 4.81 8.97 -4.21
C GLN B 39 3.29 8.89 -4.17
N ALA B 40 2.75 7.82 -3.60
CA ALA B 40 1.29 7.76 -3.45
C ALA B 40 0.81 8.87 -2.50
N PRO B 41 -0.46 9.29 -2.63
CA PRO B 41 -0.98 10.39 -1.78
C PRO B 41 -0.78 10.13 -0.30
N GLY B 42 -0.12 11.05 0.40
CA GLY B 42 0.15 10.90 1.82
C GLY B 42 1.19 9.87 2.20
N LYS B 43 1.90 9.30 1.24
CA LYS B 43 2.84 8.22 1.49
C LYS B 43 4.26 8.67 1.14
N GLY B 44 5.21 7.73 1.23
CA GLY B 44 6.62 8.04 1.04
C GLY B 44 7.08 7.88 -0.41
N LEU B 45 8.37 8.16 -0.63
CA LEU B 45 8.96 8.02 -1.95
C LEU B 45 9.30 6.58 -2.26
N GLU B 46 9.06 6.17 -3.51
CA GLU B 46 9.30 4.79 -3.94
C GLU B 46 10.01 4.81 -5.29
N TRP B 47 11.14 4.14 -5.39
CA TRP B 47 11.82 4.05 -6.68
C TRP B 47 10.99 3.21 -7.66
N VAL B 48 10.97 3.62 -8.92
CA VAL B 48 10.18 2.92 -9.94
C VAL B 48 11.05 2.30 -11.04
N SER B 49 11.94 3.08 -11.64
CA SER B 49 12.63 2.62 -12.84
C SER B 49 13.83 3.50 -13.12
N SER B 50 14.81 2.95 -13.83
CA SER B 50 16.01 3.69 -14.18
C SER B 50 16.49 3.34 -15.58
N ILE B 51 17.18 4.28 -16.21
CA ILE B 51 17.77 4.09 -17.54
C ILE B 51 19.03 4.94 -17.63
N TRP B 52 20.03 4.41 -18.33
CA TRP B 52 21.28 5.14 -18.49
C TRP B 52 21.63 5.17 -19.97
N TYR B 53 22.90 5.09 -20.33
CA TYR B 53 23.29 5.08 -21.73
C TYR B 53 22.83 3.80 -22.41
N SER B 56 23.12 -0.29 -22.80
CA SER B 56 21.94 0.27 -22.16
C SER B 56 21.18 -0.82 -21.38
N ASN B 57 21.24 -0.74 -20.05
CA ASN B 57 20.58 -1.71 -19.17
C ASN B 57 19.60 -0.98 -18.26
N THR B 58 18.31 -1.22 -18.48
CA THR B 58 17.24 -0.56 -17.75
C THR B 58 16.70 -1.48 -16.65
N TYR B 59 16.19 -0.87 -15.58
CA TYR B 59 15.76 -1.61 -14.40
C TYR B 59 14.38 -1.14 -13.96
N TYR B 60 13.65 -2.03 -13.30
CA TYR B 60 12.29 -1.76 -12.84
C TYR B 60 12.09 -2.35 -11.44
N ALA B 61 11.34 -1.64 -10.60
CA ALA B 61 10.88 -2.21 -9.35
C ALA B 61 9.82 -3.29 -9.61
N ASP B 62 9.67 -4.21 -8.66
CA ASP B 62 8.69 -5.29 -8.84
C ASP B 62 7.27 -4.77 -8.86
N SER B 63 7.06 -3.54 -8.43
CA SER B 63 5.75 -2.91 -8.48
C SER B 63 5.29 -2.67 -9.92
N VAL B 64 6.23 -2.49 -10.85
CA VAL B 64 5.86 -2.11 -12.21
C VAL B 64 6.53 -2.96 -13.28
N LYS B 65 7.48 -3.81 -12.88
CA LYS B 65 8.19 -4.63 -13.87
C LYS B 65 7.22 -5.47 -14.67
N GLY B 66 7.43 -5.52 -15.99
CA GLY B 66 6.55 -6.27 -16.87
C GLY B 66 5.33 -5.52 -17.37
N ARG B 67 5.04 -4.34 -16.81
CA ARG B 67 3.95 -3.48 -17.26
C ARG B 67 4.42 -2.14 -17.77
N PHE B 68 5.44 -1.56 -17.16
CA PHE B 68 5.92 -0.23 -17.54
C PHE B 68 7.19 -0.36 -18.38
N THR B 69 7.42 0.64 -19.23
CA THR B 69 8.63 0.73 -20.04
C THR B 69 9.20 2.12 -19.91
N ILE B 70 10.46 2.21 -19.46
CA ILE B 70 11.20 3.47 -19.45
C ILE B 70 11.99 3.57 -20.75
N SER B 71 12.09 4.79 -21.28
CA SER B 71 12.84 5.01 -22.51
C SER B 71 13.25 6.47 -22.55
N ARG B 72 14.06 6.82 -23.56
CA ARG B 72 14.57 8.17 -23.68
C ARG B 72 14.79 8.50 -25.14
N ASP B 73 14.59 9.77 -25.49
CA ASP B 73 14.87 10.30 -26.82
C ASP B 73 15.90 11.40 -26.62
N ASN B 74 17.18 11.08 -26.82
CA ASN B 74 18.24 12.04 -26.54
C ASN B 74 18.17 13.26 -27.45
N SER B 75 17.68 13.09 -28.68
CA SER B 75 17.58 14.24 -29.57
C SER B 75 16.57 15.27 -29.09
N LYS B 76 15.59 14.86 -28.27
CA LYS B 76 14.63 15.76 -27.66
C LYS B 76 14.93 16.02 -26.19
N ASN B 77 16.02 15.47 -25.65
CA ASN B 77 16.36 15.61 -24.24
C ASN B 77 15.15 15.26 -23.36
N THR B 78 14.49 14.16 -23.69
CA THR B 78 13.26 13.79 -22.99
C THR B 78 13.32 12.35 -22.49
N LEU B 79 12.85 12.17 -21.25
CA LEU B 79 12.65 10.87 -20.62
C LEU B 79 11.17 10.51 -20.65
N TYR B 80 10.87 9.23 -20.88
CA TYR B 80 9.48 8.78 -20.91
C TYR B 80 9.25 7.62 -19.96
N LEU B 81 8.01 7.50 -19.45
CA LEU B 81 7.55 6.31 -18.76
C LEU B 81 6.24 5.90 -19.41
N GLN B 82 6.25 4.75 -20.08
CA GLN B 82 5.04 4.18 -20.65
C GLN B 82 4.42 3.28 -19.58
N MET B 83 3.21 3.64 -19.13
CA MET B 83 2.52 2.92 -18.08
C MET B 83 1.37 2.13 -18.71
N ASN B 84 1.38 0.82 -18.55
CA ASN B 84 0.33 -0.05 -19.07
C ASN B 84 -0.31 -0.85 -17.94
N SER B 85 -1.51 -1.37 -18.22
CA SER B 85 -2.23 -2.25 -17.29
C SER B 85 -2.33 -1.64 -15.89
N LEU B 86 -2.79 -0.39 -15.84
CA LEU B 86 -2.72 0.39 -14.62
C LEU B 86 -3.67 -0.11 -13.54
N THR B 87 -3.27 0.08 -12.28
CA THR B 87 -4.06 -0.27 -11.11
C THR B 87 -4.22 0.95 -10.21
N ALA B 88 -5.24 0.91 -9.36
CA ALA B 88 -5.37 1.94 -8.34
C ALA B 88 -4.09 2.07 -7.52
N GLU B 89 -3.34 0.98 -7.36
CA GLU B 89 -2.12 1.09 -6.57
C GLU B 89 -1.03 1.89 -7.27
N ASP B 90 -1.19 2.19 -8.56
CA ASP B 90 -0.27 3.07 -9.28
C ASP B 90 -0.58 4.55 -9.10
N THR B 91 -1.67 4.89 -8.40
CA THR B 91 -1.99 6.30 -8.21
C THR B 91 -0.90 6.97 -7.39
N ALA B 92 -0.34 8.06 -7.90
CA ALA B 92 0.82 8.66 -7.28
C ALA B 92 1.21 9.90 -8.05
N VAL B 93 1.98 10.77 -7.39
CA VAL B 93 2.76 11.76 -8.12
C VAL B 93 4.03 11.07 -8.59
N TYR B 94 4.33 11.20 -9.88
CA TYR B 94 5.51 10.59 -10.47
C TYR B 94 6.55 11.67 -10.71
N TYR B 95 7.75 11.47 -10.17
CA TYR B 95 8.87 12.38 -10.36
C TYR B 95 9.90 11.73 -11.27
N CYS B 96 10.45 12.51 -12.20
CA CYS B 96 11.69 12.11 -12.84
C CYS B 96 12.85 12.77 -12.11
N ALA B 97 14.00 12.13 -12.12
CA ALA B 97 15.13 12.66 -11.38
C ALA B 97 16.43 12.25 -12.05
N ARG B 98 17.42 13.15 -12.02
CA ARG B 98 18.77 12.86 -12.48
C ARG B 98 19.54 12.19 -11.35
N PHE B 99 20.18 11.05 -11.66
CA PHE B 99 20.92 10.26 -10.69
C PHE B 99 22.40 10.54 -10.84
N ALA B 100 23.02 11.08 -9.80
CA ALA B 100 24.48 11.30 -9.77
C ALA B 100 25.12 10.01 -9.26
N GLY B 101 25.64 9.20 -10.17
CA GLY B 101 26.07 7.86 -9.79
C GLY B 101 27.30 7.87 -8.89
N GLY B 102 28.09 8.93 -8.94
CA GLY B 102 29.21 9.05 -8.02
C GLY B 102 28.75 9.32 -6.60
N TRP B 103 27.65 10.06 -6.44
CA TRP B 103 27.10 10.34 -5.12
C TRP B 103 26.13 9.27 -4.63
N GLY B 104 25.58 8.46 -5.54
CA GLY B 104 24.48 7.59 -5.17
C GLY B 104 23.20 8.31 -4.81
N ALA B 105 22.98 9.50 -5.36
CA ALA B 105 21.89 10.38 -4.94
C ALA B 105 21.29 11.11 -6.14
N TYR B 106 20.04 11.59 -5.98
CA TYR B 106 19.31 12.33 -7.01
C TYR B 106 19.52 13.82 -6.80
N ASP B 107 20.18 14.49 -7.76
CA ASP B 107 20.52 15.89 -7.55
C ASP B 107 19.65 16.86 -8.35
N VAL B 108 18.79 16.38 -9.26
CA VAL B 108 17.84 17.22 -9.97
C VAL B 108 16.51 16.48 -9.99
N TRP B 109 15.42 17.18 -9.65
CA TRP B 109 14.09 16.57 -9.62
C TRP B 109 13.13 17.37 -10.49
N GLY B 110 12.24 16.66 -11.18
CA GLY B 110 11.14 17.32 -11.87
C GLY B 110 10.11 17.82 -10.86
N GLN B 111 9.08 18.50 -11.38
CA GLN B 111 8.09 19.07 -10.47
C GLN B 111 7.03 18.06 -10.06
N GLY B 112 7.00 16.90 -10.71
CA GLY B 112 5.99 15.88 -10.44
C GLY B 112 4.78 16.04 -11.34
N THR B 113 4.20 14.90 -11.68
CA THR B 113 2.92 14.89 -12.41
C THR B 113 2.04 13.81 -11.79
N LEU B 114 0.75 14.13 -11.62
CA LEU B 114 -0.14 13.26 -10.86
C LEU B 114 -0.85 12.29 -11.80
N VAL B 115 -0.83 11.01 -11.45
CA VAL B 115 -1.55 9.97 -12.16
C VAL B 115 -2.55 9.39 -11.19
N THR B 116 -3.83 9.43 -11.56
CA THR B 116 -4.91 8.89 -10.73
C THR B 116 -5.62 7.79 -11.53
N VAL B 117 -5.61 6.58 -10.98
CA VAL B 117 -6.18 5.42 -11.65
C VAL B 117 -7.47 5.07 -10.92
N SER B 118 -8.60 5.29 -11.58
CA SER B 118 -9.89 5.19 -10.90
C SER B 118 -11.00 4.95 -11.91
N SER B 119 -12.02 4.20 -11.48
CA SER B 119 -13.24 4.06 -12.24
C SER B 119 -14.11 5.31 -12.08
N ASP B 125 -18.48 5.22 -2.61
CA ASP B 125 -17.27 4.59 -2.10
C ASP B 125 -17.10 4.89 -0.61
N ILE B 126 -17.71 4.06 0.23
CA ILE B 126 -17.73 4.32 1.67
C ILE B 126 -16.34 4.09 2.25
N GLN B 127 -15.92 5.01 3.14
CA GLN B 127 -14.71 4.82 3.91
C GLN B 127 -15.11 4.35 5.32
N MET B 128 -14.47 3.29 5.78
CA MET B 128 -14.75 2.70 7.08
C MET B 128 -13.56 2.97 8.00
N THR B 129 -13.79 3.68 9.10
CA THR B 129 -12.72 4.06 10.01
C THR B 129 -12.92 3.32 11.33
N GLN B 130 -12.03 2.37 11.59
CA GLN B 130 -12.07 1.53 12.77
C GLN B 130 -11.13 2.09 13.83
N SER B 131 -11.59 2.06 15.07
CA SER B 131 -10.77 2.53 16.19
C SER B 131 -11.06 1.74 17.47
N PRO B 132 -10.03 1.52 18.29
CA PRO B 132 -8.64 1.91 18.01
C PRO B 132 -7.96 0.94 17.04
N SER B 133 -6.76 1.27 16.55
CA SER B 133 -6.04 0.34 15.70
C SER B 133 -5.58 -0.88 16.46
N SER B 134 -5.31 -0.72 17.76
CA SER B 134 -4.89 -1.82 18.62
C SER B 134 -5.19 -1.45 20.06
N LEU B 135 -5.34 -2.48 20.89
CA LEU B 135 -5.52 -2.27 22.32
C LEU B 135 -5.03 -3.50 23.06
N SER B 136 -4.49 -3.27 24.25
CA SER B 136 -4.04 -4.34 25.12
C SER B 136 -5.07 -4.54 26.22
N ALA B 137 -5.43 -5.78 26.48
CA ALA B 137 -6.42 -6.05 27.50
C ALA B 137 -6.04 -7.34 28.22
N SER B 138 -6.70 -7.58 29.35
CA SER B 138 -6.49 -8.78 30.14
C SER B 138 -7.72 -9.65 30.06
N VAL B 139 -7.50 -10.96 30.28
CA VAL B 139 -8.63 -11.88 30.41
C VAL B 139 -9.59 -11.32 31.44
N GLY B 140 -10.88 -11.28 31.07
CA GLY B 140 -11.92 -10.76 31.93
C GLY B 140 -12.32 -9.32 31.64
N ASP B 141 -11.53 -8.59 30.85
CA ASP B 141 -11.82 -7.20 30.54
C ASP B 141 -13.00 -7.05 29.59
N ARG B 142 -13.74 -5.95 29.76
CA ARG B 142 -14.71 -5.52 28.78
C ARG B 142 -14.03 -4.69 27.69
N VAL B 143 -14.27 -5.05 26.42
CA VAL B 143 -13.61 -4.43 25.28
C VAL B 143 -14.68 -3.90 24.33
N THR B 144 -14.51 -2.67 23.86
CA THR B 144 -15.39 -2.11 22.84
C THR B 144 -14.57 -1.56 21.69
N ILE B 145 -14.95 -1.93 20.47
CA ILE B 145 -14.31 -1.49 19.25
C ILE B 145 -15.35 -0.71 18.46
N THR B 146 -14.95 0.41 17.85
CA THR B 146 -15.89 1.22 17.10
C THR B 146 -15.52 1.27 15.63
N CYS B 147 -16.54 1.44 14.80
CA CYS B 147 -16.40 1.49 13.35
C CYS B 147 -17.31 2.60 12.86
N ARG B 148 -16.75 3.58 12.14
CA ARG B 148 -17.52 4.69 11.59
C ARG B 148 -17.50 4.67 10.07
N ALA B 149 -18.65 4.92 9.47
CA ALA B 149 -18.79 4.97 8.02
C ALA B 149 -18.89 6.43 7.58
N SER B 150 -18.33 6.72 6.41
CA SER B 150 -18.29 8.10 5.92
C SER B 150 -19.68 8.62 5.54
N GLN B 151 -20.59 7.72 5.18
CA GLN B 151 -21.99 8.07 5.01
C GLN B 151 -22.81 6.88 5.46
N SER B 152 -24.12 7.06 5.56
CA SER B 152 -24.95 6.03 6.15
C SER B 152 -24.86 4.73 5.38
N ILE B 153 -24.69 3.63 6.11
CA ILE B 153 -24.80 2.28 5.56
C ILE B 153 -26.01 1.57 6.15
N GLY B 154 -26.90 2.32 6.80
CA GLY B 154 -28.07 1.72 7.42
C GLY B 154 -27.62 0.75 8.50
N LEU B 155 -28.09 -0.49 8.42
CA LEU B 155 -27.73 -1.54 9.37
C LEU B 155 -26.74 -2.54 8.81
N TYR B 156 -26.29 -2.38 7.58
CA TYR B 156 -25.49 -3.41 6.90
C TYR B 156 -24.03 -3.25 7.27
N LEU B 157 -23.73 -3.62 8.51
CA LEU B 157 -22.36 -3.63 9.01
C LEU B 157 -22.11 -4.98 9.68
N ALA B 158 -21.04 -5.64 9.28
CA ALA B 158 -20.66 -6.94 9.83
C ALA B 158 -19.34 -6.85 10.57
N TRP B 159 -19.14 -7.77 11.52
CA TRP B 159 -17.89 -7.89 12.26
C TRP B 159 -17.30 -9.27 12.08
N TYR B 160 -15.98 -9.32 11.82
CA TYR B 160 -15.26 -10.57 11.66
C TYR B 160 -14.12 -10.64 12.66
N GLN B 161 -13.81 -11.86 13.07
CA GLN B 161 -12.67 -12.18 13.93
C GLN B 161 -11.63 -12.90 13.09
N GLN B 162 -10.35 -12.56 13.26
CA GLN B 162 -9.30 -13.27 12.53
C GLN B 162 -8.13 -13.55 13.46
N LYS B 163 -7.82 -14.78 13.63
CA LYS B 163 -6.67 -15.24 14.39
C LYS B 163 -5.47 -15.45 13.46
N PRO B 164 -4.24 -15.38 13.98
CA PRO B 164 -3.07 -15.46 13.11
C PRO B 164 -3.06 -16.75 12.30
N GLY B 165 -2.81 -16.60 11.00
CA GLY B 165 -2.74 -17.72 10.07
C GLY B 165 -4.07 -18.32 9.68
N LYS B 166 -5.18 -17.74 10.13
CA LYS B 166 -6.50 -18.29 9.87
C LYS B 166 -7.32 -17.31 9.05
N ALA B 167 -8.37 -17.83 8.45
CA ALA B 167 -9.29 -17.00 7.69
C ALA B 167 -10.19 -16.21 8.63
N PRO B 168 -10.73 -15.09 8.17
CA PRO B 168 -11.75 -14.38 8.96
C PRO B 168 -12.94 -15.28 9.24
N LYS B 169 -13.60 -15.00 10.36
CA LYS B 169 -14.78 -15.72 10.81
C LYS B 169 -15.87 -14.69 11.10
N LEU B 170 -17.04 -14.84 10.47
CA LEU B 170 -18.17 -13.95 10.75
C LEU B 170 -18.66 -14.11 12.19
N LEU B 171 -18.78 -12.98 12.91
CA LEU B 171 -19.36 -12.97 14.25
C LEU B 171 -20.74 -12.32 14.27
N ILE B 172 -20.85 -11.13 13.71
CA ILE B 172 -22.07 -10.32 13.79
C ILE B 172 -22.35 -9.75 12.41
N TYR B 173 -23.64 -9.73 12.03
CA TYR B 173 -24.09 -9.13 10.79
C TYR B 173 -25.29 -8.25 11.07
N ALA B 174 -25.59 -7.36 10.13
CA ALA B 174 -26.70 -6.44 10.28
C ALA B 174 -26.61 -5.69 11.61
N ALA B 175 -25.37 -5.31 11.96
CA ALA B 175 -25.00 -4.46 13.09
C ALA B 175 -25.10 -5.18 14.44
N SER B 176 -26.11 -6.03 14.65
CA SER B 176 -26.37 -6.59 15.99
C SER B 176 -26.80 -8.05 16.01
N SER B 177 -26.91 -8.72 14.87
CA SER B 177 -27.33 -10.12 14.82
C SER B 177 -26.11 -11.02 14.93
N LEU B 178 -26.14 -11.98 15.86
CA LEU B 178 -25.02 -12.90 15.96
C LEU B 178 -25.18 -14.08 15.02
N GLN B 179 -24.09 -14.46 14.37
CA GLN B 179 -24.05 -15.72 13.64
C GLN B 179 -24.26 -16.87 14.61
N SER B 180 -24.84 -17.97 14.13
CA SER B 180 -25.10 -19.10 15.00
C SER B 180 -23.79 -19.66 15.54
N GLY B 181 -23.81 -20.03 16.82
CA GLY B 181 -22.62 -20.56 17.47
C GLY B 181 -21.72 -19.52 18.10
N VAL B 182 -21.96 -18.24 17.88
CA VAL B 182 -21.10 -17.19 18.42
C VAL B 182 -21.49 -16.95 19.89
N PRO B 183 -20.52 -16.92 20.81
CA PRO B 183 -20.88 -16.82 22.23
C PRO B 183 -21.52 -15.49 22.57
N SER B 184 -22.38 -15.53 23.59
CA SER B 184 -23.20 -14.37 23.95
C SER B 184 -22.39 -13.20 24.50
N ARG B 185 -21.12 -13.40 24.83
CA ARG B 185 -20.33 -12.27 25.30
C ARG B 185 -20.03 -11.27 24.18
N PHE B 186 -20.29 -11.66 22.92
CA PHE B 186 -20.16 -10.76 21.80
C PHE B 186 -21.51 -10.09 21.52
N SER B 187 -21.48 -8.78 21.32
CA SER B 187 -22.68 -8.05 20.92
C SER B 187 -22.25 -6.89 20.04
N GLY B 188 -23.20 -6.39 19.26
CA GLY B 188 -22.93 -5.27 18.39
C GLY B 188 -24.08 -4.27 18.46
N SER B 189 -23.74 -3.02 18.18
CA SER B 189 -24.77 -1.98 18.23
C SER B 189 -24.46 -0.92 17.19
N GLY B 190 -25.46 -0.07 16.94
CA GLY B 190 -25.21 1.04 16.03
C GLY B 190 -26.07 1.00 14.79
N SER B 191 -26.16 2.15 14.13
CA SER B 191 -26.96 2.29 12.92
C SER B 191 -26.44 3.53 12.19
N GLY B 192 -26.70 3.57 10.89
CA GLY B 192 -26.28 4.70 10.10
C GLY B 192 -24.79 4.79 9.89
N THR B 193 -24.08 5.55 10.73
CA THR B 193 -22.66 5.75 10.54
C THR B 193 -21.78 5.41 11.74
N ASP B 194 -22.36 5.03 12.88
CA ASP B 194 -21.56 4.75 14.08
C ASP B 194 -21.92 3.37 14.63
N PHE B 195 -20.92 2.49 14.71
CA PHE B 195 -21.16 1.11 15.10
C PHE B 195 -20.15 0.68 16.15
N THR B 196 -20.55 -0.26 17.01
CA THR B 196 -19.70 -0.72 18.10
C THR B 196 -19.79 -2.23 18.22
N LEU B 197 -18.64 -2.86 18.47
CA LEU B 197 -18.59 -4.26 18.84
C LEU B 197 -18.11 -4.35 20.28
N THR B 198 -18.81 -5.13 21.10
CA THR B 198 -18.45 -5.23 22.51
C THR B 198 -18.23 -6.68 22.89
N ILE B 199 -17.14 -6.94 23.62
CA ILE B 199 -16.89 -8.23 24.25
C ILE B 199 -16.98 -8.01 25.75
N SER B 200 -17.98 -8.64 26.38
CA SER B 200 -18.34 -8.28 27.74
C SER B 200 -17.29 -8.75 28.74
N SER B 201 -16.66 -9.89 28.46
CA SER B 201 -15.63 -10.46 29.34
C SER B 201 -14.70 -11.27 28.46
N LEU B 202 -13.54 -10.68 28.16
CA LEU B 202 -12.59 -11.27 27.24
C LEU B 202 -12.08 -12.62 27.74
N GLN B 203 -12.05 -13.60 26.84
CA GLN B 203 -11.47 -14.91 27.11
C GLN B 203 -10.20 -15.09 26.27
N PRO B 204 -9.32 -16.01 26.64
CA PRO B 204 -8.05 -16.13 25.87
C PRO B 204 -8.24 -16.35 24.39
N GLU B 205 -9.25 -17.14 24.00
CA GLU B 205 -9.50 -17.37 22.59
C GLU B 205 -9.97 -16.11 21.85
N ASP B 206 -10.31 -15.04 22.56
CA ASP B 206 -10.81 -13.83 21.92
C ASP B 206 -9.71 -12.86 21.51
N PHE B 207 -8.46 -13.08 21.92
CA PHE B 207 -7.38 -12.21 21.46
C PHE B 207 -7.12 -12.50 19.99
N ALA B 208 -7.34 -11.50 19.15
CA ALA B 208 -7.46 -11.68 17.71
C ALA B 208 -7.52 -10.29 17.09
N THR B 209 -7.57 -10.25 15.77
CA THR B 209 -7.85 -9.00 15.08
C THR B 209 -9.29 -9.02 14.62
N TYR B 210 -9.96 -7.87 14.78
CA TYR B 210 -11.37 -7.74 14.44
C TYR B 210 -11.53 -6.73 13.33
N TYR B 211 -12.40 -7.04 12.36
CA TYR B 211 -12.64 -6.18 11.20
C TYR B 211 -14.13 -5.89 11.07
N CYS B 212 -14.47 -4.65 10.74
CA CYS B 212 -15.82 -4.36 10.31
C CYS B 212 -15.86 -4.28 8.79
N GLN B 213 -17.06 -4.44 8.24
CA GLN B 213 -17.25 -4.44 6.79
C GLN B 213 -18.65 -3.95 6.48
N GLN B 214 -18.76 -2.95 5.62
CA GLN B 214 -20.08 -2.47 5.23
C GLN B 214 -20.58 -3.28 4.04
N GLY B 215 -21.87 -3.62 4.07
CA GLY B 215 -22.48 -4.38 2.99
C GLY B 215 -23.62 -3.66 2.31
N ASN B 216 -23.62 -2.33 2.38
CA ASN B 216 -24.71 -1.52 1.84
C ASN B 216 -24.44 -1.02 0.43
N THR B 217 -23.20 -1.11 -0.03
CA THR B 217 -22.74 -0.44 -1.24
C THR B 217 -21.82 -1.39 -2.00
N LEU B 218 -21.89 -1.31 -3.33
CA LEU B 218 -21.34 -2.32 -4.23
C LEU B 218 -19.83 -2.49 -4.14
N SER B 219 -19.17 -1.74 -3.25
CA SER B 219 -17.71 -1.79 -3.07
C SER B 219 -17.28 -2.48 -1.78
N TYR B 220 -18.20 -2.68 -0.84
CA TYR B 220 -18.04 -3.66 0.25
C TYR B 220 -16.78 -3.45 1.09
N THR B 221 -16.58 -2.23 1.60
CA THR B 221 -15.30 -1.86 2.16
C THR B 221 -15.12 -2.36 3.59
N PHE B 222 -13.89 -2.69 3.93
CA PHE B 222 -13.50 -3.17 5.26
C PHE B 222 -12.89 -2.02 6.04
N GLY B 223 -13.13 -2.03 7.35
CA GLY B 223 -12.33 -1.24 8.25
C GLY B 223 -10.91 -1.75 8.29
N GLN B 224 -10.02 -0.94 8.86
CA GLN B 224 -8.62 -1.31 8.81
C GLN B 224 -8.21 -2.33 9.86
N GLY B 225 -9.11 -2.72 10.74
CA GLY B 225 -8.82 -3.75 11.72
C GLY B 225 -8.43 -3.19 13.07
N THR B 226 -8.77 -3.93 14.13
CA THR B 226 -8.36 -3.62 15.50
C THR B 226 -7.70 -4.86 16.07
N LYS B 227 -6.44 -4.74 16.48
CA LYS B 227 -5.71 -5.86 17.06
C LYS B 227 -5.92 -5.86 18.56
N VAL B 228 -6.56 -6.90 19.08
CA VAL B 228 -6.80 -7.03 20.51
C VAL B 228 -5.70 -7.90 21.06
N GLU B 229 -4.77 -7.29 21.78
CA GLU B 229 -3.54 -7.92 22.25
C GLU B 229 -3.56 -8.13 23.76
N ILE B 230 -2.66 -8.99 24.24
CA ILE B 230 -2.64 -9.40 25.63
C ILE B 230 -1.69 -8.51 26.42
N LYS B 231 -2.18 -7.96 27.52
CA LYS B 231 -1.33 -7.32 28.53
C LYS B 231 -0.42 -8.33 29.24
#